data_8B0E
#
_entry.id   8B0E
#
_cell.length_a   83.829
_cell.length_b   44.476
_cell.length_c   137.577
_cell.angle_alpha   90.000
_cell.angle_beta   97.629
_cell.angle_gamma   90.000
#
_symmetry.space_group_name_H-M   'I 1 2 1'
#
loop_
_entity.id
_entity.type
_entity.pdbx_description
1 polymer 'beta-glucuronidase from Acidobacterium capsulatum'
2 non-polymer '(1~{S},2~{R},3~{R},4~{S},6~{S})-3,4,6-tris(oxidanyl)-2-[2-[2,2,2-tris(fluoranyl)ethanoylamino]ethoxy]cyclohexane-1-carboxylic acid'
3 water water
#
_entity_poly.entity_id   1
_entity_poly.type   'polypeptide(L)'
_entity_poly.pdbx_seq_one_letter_code
;MAFARGGLAQTASQTTSSPVRVGLSVDASALGHTIPPDYTGLSYEQAQMANPNYFSGANTQLAGFLRTLGRQGVLRIGGN
TSEYTFWNRHAKPTAADEHLAAGPDKGHHAAAREVITPEAVNNLSEFLDKTGWKLIYGLNLGKGTPENAADEAAYVMETI
GADRLLAFQLGNEPDLFYRNGIRPASYDFAAYAGDWQRFFTAIRKRVPNAPFAGPDTAYNTKWLVPFADKFKHDVKFISS
HYYAEGPPTDPSMTIERLMKPNPRLLGETAGLKQVEADTGLPFRLTETNSCYQGGKQGVSDTFAAALWAGDLMYQQAAAG
STGINFHGGGYGWYTPVAGTPEDGFIARPEYYGMLLFAQAGAGQLLGAKLTDNSAAPLLTAYALRGTDGRTRIALFNKNL
DADVEVAISGVASPSGTVLRLEAPRADDTTDVTFGGAPVGASGSWSPLVQEYVPGHSGQFVLHMRKASGALLEFA
;
_entity_poly.pdbx_strand_id   AAA
#
# COMPACT_ATOMS: atom_id res chain seq x y z
N GLN A 14 9.81 -12.03 26.07
CA GLN A 14 11.05 -11.19 26.10
C GLN A 14 11.00 -10.27 27.33
N THR A 15 12.17 -9.87 27.81
CA THR A 15 12.39 -8.73 28.75
C THR A 15 13.50 -7.85 28.18
N THR A 16 13.41 -6.53 28.39
CA THR A 16 14.39 -5.54 27.89
C THR A 16 15.06 -4.89 29.11
N SER A 17 16.24 -4.28 28.92
CA SER A 17 17.22 -3.92 29.99
C SER A 17 16.68 -2.78 30.84
N SER A 18 16.66 -1.56 30.29
CA SER A 18 16.21 -0.31 30.95
C SER A 18 15.08 0.31 30.13
N PRO A 19 13.92 -0.38 29.98
CA PRO A 19 12.91 0.05 29.03
C PRO A 19 12.13 1.27 29.51
N VAL A 20 11.56 2.00 28.57
CA VAL A 20 10.57 3.07 28.86
C VAL A 20 9.22 2.37 29.12
N ARG A 21 8.69 2.57 30.33
CA ARG A 21 7.43 1.95 30.79
C ARG A 21 6.29 2.84 30.32
N VAL A 22 5.47 2.35 29.39
CA VAL A 22 4.33 3.11 28.81
C VAL A 22 3.04 2.36 29.08
N GLY A 23 1.93 3.07 29.03
CA GLY A 23 0.58 2.50 29.20
C GLY A 23 -0.13 2.45 27.86
N LEU A 24 -0.82 1.36 27.58
CA LEU A 24 -1.71 1.26 26.41
C LEU A 24 -3.07 0.86 26.95
N SER A 25 -4.08 1.68 26.66
CA SER A 25 -5.50 1.45 27.05
C SER A 25 -6.36 1.17 25.83
N VAL A 26 -6.91 -0.06 25.71
CA VAL A 26 -7.81 -0.49 24.62
C VAL A 26 -9.21 -0.14 25.04
N ASP A 27 -9.98 0.53 24.18
CA ASP A 27 -11.40 0.87 24.42
C ASP A 27 -12.27 0.26 23.32
N ALA A 28 -12.96 -0.84 23.62
CA ALA A 28 -13.86 -1.56 22.70
C ALA A 28 -15.10 -0.72 22.31
N SER A 29 -15.40 0.36 23.03
CA SER A 29 -16.51 1.30 22.77
C SER A 29 -16.07 2.48 21.89
N ALA A 30 -14.76 2.70 21.70
CA ALA A 30 -14.22 3.80 20.86
C ALA A 30 -14.04 3.29 19.42
N LEU A 31 -15.13 3.24 18.66
CA LEU A 31 -15.18 2.59 17.31
C LEU A 31 -14.48 3.48 16.30
N GLY A 32 -13.56 2.89 15.53
CA GLY A 32 -13.00 3.54 14.34
C GLY A 32 -13.53 2.95 13.05
N HIS A 33 -12.76 3.09 11.98
CA HIS A 33 -13.15 2.56 10.65
C HIS A 33 -13.03 1.04 10.60
N THR A 34 -13.82 0.42 9.73
CA THR A 34 -13.79 -1.02 9.41
C THR A 34 -12.82 -1.22 8.25
N ILE A 35 -11.81 -2.07 8.42
CA ILE A 35 -10.78 -2.34 7.39
C ILE A 35 -11.42 -3.25 6.36
N PRO A 36 -11.46 -2.87 5.05
CA PRO A 36 -12.06 -3.73 4.02
C PRO A 36 -11.13 -4.89 3.75
N PRO A 37 -11.66 -6.07 3.33
CA PRO A 37 -10.84 -7.24 3.06
C PRO A 37 -9.87 -7.12 1.87
N ASP A 38 -10.10 -6.12 1.00
CA ASP A 38 -9.26 -5.83 -0.19
C ASP A 38 -8.44 -4.56 0.04
N TYR A 39 -8.09 -4.24 1.30
CA TYR A 39 -7.27 -3.04 1.64
C TYR A 39 -5.87 -3.15 1.04
N THR A 40 -5.24 -4.34 1.12
CA THR A 40 -3.80 -4.47 0.78
C THR A 40 -3.64 -4.38 -0.73
N GLY A 41 -2.41 -4.13 -1.19
CA GLY A 41 -2.19 -3.98 -2.63
C GLY A 41 -0.79 -3.57 -2.97
N LEU A 42 -0.47 -3.75 -4.26
CA LEU A 42 0.83 -3.43 -4.87
C LEU A 42 0.58 -2.59 -6.13
N SER A 43 1.54 -1.75 -6.48
CA SER A 43 1.57 -0.96 -7.73
C SER A 43 2.80 -1.37 -8.55
N TYR A 44 2.62 -1.58 -9.86
CA TYR A 44 3.69 -1.98 -10.80
C TYR A 44 3.69 -1.09 -12.05
N GLU A 45 4.83 -1.06 -12.73
CA GLU A 45 4.97 -0.35 -14.03
C GLU A 45 4.17 -1.08 -15.11
N GLN A 46 3.42 -0.32 -15.93
CA GLN A 46 2.72 -0.84 -17.13
C GLN A 46 3.72 -1.53 -18.06
N ALA A 47 4.97 -1.07 -18.13
CA ALA A 47 6.03 -1.69 -18.97
C ALA A 47 6.25 -3.17 -18.59
N GLN A 48 5.89 -3.62 -17.40
CA GLN A 48 6.04 -5.06 -17.04
C GLN A 48 5.17 -5.90 -18.00
N MET A 49 4.07 -5.33 -18.52
CA MET A 49 3.11 -6.01 -19.46
C MET A 49 3.78 -6.34 -20.82
N ALA A 50 4.96 -5.77 -21.12
CA ALA A 50 5.72 -5.98 -22.37
C ALA A 50 6.23 -7.42 -22.38
N ASN A 51 6.32 -8.05 -21.21
CA ASN A 51 6.67 -9.47 -21.08
C ASN A 51 5.44 -10.25 -20.61
N PRO A 52 4.79 -11.08 -21.45
CA PRO A 52 3.55 -11.75 -21.06
C PRO A 52 3.76 -12.87 -20.03
N ASN A 53 5.01 -13.15 -19.65
CA ASN A 53 5.38 -14.21 -18.66
C ASN A 53 5.49 -13.64 -17.23
N TYR A 54 5.40 -12.31 -17.05
CA TYR A 54 5.43 -11.65 -15.72
C TYR A 54 4.07 -11.81 -15.01
N PHE A 55 3.04 -11.10 -15.47
CA PHE A 55 1.66 -11.26 -14.94
C PHE A 55 1.04 -12.41 -15.72
N SER A 56 1.33 -13.63 -15.27
CA SER A 56 0.94 -14.88 -15.97
C SER A 56 0.48 -15.93 -14.96
N GLY A 57 -0.46 -16.80 -15.35
CA GLY A 57 -0.80 -18.00 -14.58
C GLY A 57 0.40 -18.91 -14.33
N ALA A 58 1.43 -18.83 -15.17
CA ALA A 58 2.68 -19.61 -15.13
C ALA A 58 3.60 -19.04 -14.05
N ASN A 59 3.40 -17.78 -13.66
CA ASN A 59 4.25 -17.14 -12.61
C ASN A 59 3.71 -17.50 -11.21
N THR A 60 3.86 -18.78 -10.82
CA THR A 60 3.33 -19.31 -9.54
C THR A 60 4.14 -18.71 -8.38
N GLN A 61 5.38 -18.29 -8.63
CA GLN A 61 6.20 -17.69 -7.55
C GLN A 61 5.56 -16.37 -7.13
N LEU A 62 5.38 -15.46 -8.10
CA LEU A 62 4.86 -14.10 -7.76
C LEU A 62 3.43 -14.22 -7.24
N ALA A 63 2.60 -15.09 -7.84
CA ALA A 63 1.21 -15.29 -7.38
C ALA A 63 1.20 -15.69 -5.88
N GLY A 64 2.14 -16.55 -5.44
CA GLY A 64 2.29 -16.99 -4.03
C GLY A 64 2.68 -15.84 -3.11
N PHE A 65 3.53 -14.94 -3.54
CA PHE A 65 3.85 -13.75 -2.73
C PHE A 65 2.57 -12.93 -2.55
N LEU A 66 1.76 -12.70 -3.60
CA LEU A 66 0.55 -11.85 -3.44
C LEU A 66 -0.46 -12.56 -2.52
N ARG A 67 -0.71 -13.86 -2.70
CA ARG A 67 -1.72 -14.56 -1.86
C ARG A 67 -1.34 -14.42 -0.37
N THR A 68 -0.05 -14.40 -0.04
CA THR A 68 0.43 -14.32 1.35
C THR A 68 0.11 -12.92 1.90
N LEU A 69 0.19 -11.87 1.08
CA LEU A 69 -0.15 -10.48 1.49
C LEU A 69 -1.65 -10.29 1.71
N GLY A 70 -2.51 -11.07 1.05
CA GLY A 70 -3.96 -11.10 1.34
C GLY A 70 -4.75 -12.01 0.43
N ARG A 71 -5.75 -12.69 0.97
CA ARG A 71 -6.76 -13.46 0.19
C ARG A 71 -7.51 -12.52 -0.78
N GLN A 72 -7.66 -11.25 -0.42
CA GLN A 72 -8.18 -10.17 -1.30
C GLN A 72 -7.15 -9.03 -1.26
N GLY A 73 -7.05 -8.31 -2.36
CA GLY A 73 -6.15 -7.16 -2.51
C GLY A 73 -6.29 -6.59 -3.90
N VAL A 74 -5.55 -5.55 -4.18
CA VAL A 74 -5.66 -4.88 -5.52
C VAL A 74 -4.28 -4.79 -6.15
N LEU A 75 -4.18 -5.29 -7.39
CA LEU A 75 -3.02 -5.04 -8.27
C LEU A 75 -3.29 -3.78 -9.09
N ARG A 76 -2.44 -2.74 -8.92
CA ARG A 76 -2.47 -1.50 -9.71
C ARG A 76 -1.28 -1.50 -10.70
N ILE A 77 -1.60 -1.37 -12.00
CA ILE A 77 -0.61 -1.30 -13.11
C ILE A 77 -0.74 0.12 -13.69
N GLY A 78 0.37 0.85 -13.76
CA GLY A 78 0.38 2.19 -14.36
C GLY A 78 1.77 2.79 -14.28
N GLY A 79 1.92 3.86 -13.52
CA GLY A 79 3.27 4.42 -13.26
C GLY A 79 3.79 5.22 -14.44
N ASN A 80 5.01 5.75 -14.35
CA ASN A 80 5.53 6.65 -15.40
C ASN A 80 5.65 5.91 -16.73
N THR A 81 5.78 4.58 -16.73
CA THR A 81 5.96 3.85 -18.00
C THR A 81 4.63 3.75 -18.76
N SER A 82 3.50 4.09 -18.13
CA SER A 82 2.17 4.13 -18.79
C SER A 82 2.11 5.28 -19.83
N GLU A 83 3.04 6.23 -19.84
N GLU A 83 3.12 6.18 -19.84
CA GLU A 83 3.00 7.27 -20.91
CA GLU A 83 3.31 7.20 -20.91
C GLU A 83 3.85 6.80 -22.12
C GLU A 83 3.73 6.53 -22.22
N TYR A 84 4.40 5.58 -22.08
N TYR A 84 4.66 5.57 -22.19
CA TYR A 84 5.35 5.05 -23.11
CA TYR A 84 5.29 5.06 -23.43
C TYR A 84 4.97 3.64 -23.58
C TYR A 84 4.98 3.58 -23.63
N THR A 85 3.87 3.09 -23.05
CA THR A 85 3.36 1.72 -23.33
C THR A 85 2.14 1.85 -24.28
N PHE A 86 2.20 1.18 -25.44
CA PHE A 86 1.20 1.25 -26.54
C PHE A 86 0.60 -0.11 -26.89
N TRP A 87 -0.66 -0.26 -26.55
CA TRP A 87 -1.50 -1.42 -26.95
C TRP A 87 -1.52 -1.58 -28.48
N ASN A 88 -1.52 -2.81 -28.98
CA ASN A 88 -1.73 -3.13 -30.41
C ASN A 88 -2.32 -4.55 -30.49
N ARG A 89 -3.32 -4.76 -31.34
CA ARG A 89 -4.03 -6.08 -31.42
C ARG A 89 -3.21 -7.14 -32.17
N HIS A 90 -2.02 -6.82 -32.67
CA HIS A 90 -1.08 -7.84 -33.22
C HIS A 90 -0.88 -8.99 -32.22
N ARG A 113 9.80 3.07 -25.88
CA ARG A 113 8.50 2.57 -26.40
C ARG A 113 8.35 1.07 -26.10
N GLU A 114 7.22 0.66 -25.53
CA GLU A 114 6.92 -0.76 -25.16
C GLU A 114 5.52 -1.09 -25.69
N VAL A 115 5.27 -2.35 -26.04
CA VAL A 115 4.00 -2.76 -26.70
C VAL A 115 3.28 -3.76 -25.81
N ILE A 116 1.95 -3.61 -25.68
CA ILE A 116 1.07 -4.57 -24.97
C ILE A 116 0.20 -5.27 -26.01
N THR A 117 0.17 -6.60 -25.95
CA THR A 117 -0.56 -7.47 -26.89
C THR A 117 -1.74 -8.13 -26.21
N PRO A 118 -2.68 -8.68 -27.01
CA PRO A 118 -3.77 -9.50 -26.48
C PRO A 118 -3.23 -10.58 -25.55
N GLU A 119 -2.12 -11.21 -25.91
CA GLU A 119 -1.55 -12.32 -25.12
C GLU A 119 -1.20 -11.85 -23.69
N ALA A 120 -0.59 -10.68 -23.53
CA ALA A 120 -0.26 -10.09 -22.21
C ALA A 120 -1.52 -9.85 -21.38
N VAL A 121 -2.62 -9.39 -21.99
CA VAL A 121 -3.89 -9.14 -21.28
C VAL A 121 -4.50 -10.50 -20.90
N ASN A 122 -4.48 -11.46 -21.83
CA ASN A 122 -5.01 -12.82 -21.53
C ASN A 122 -4.27 -13.43 -20.32
N ASN A 123 -2.95 -13.24 -20.25
CA ASN A 123 -2.10 -13.85 -19.18
C ASN A 123 -2.36 -13.13 -17.86
N LEU A 124 -2.50 -11.80 -17.88
CA LEU A 124 -2.91 -11.02 -16.70
C LEU A 124 -4.23 -11.57 -16.14
N SER A 125 -5.23 -11.86 -16.99
CA SER A 125 -6.50 -12.47 -16.52
C SER A 125 -6.19 -13.71 -15.68
N GLU A 126 -5.33 -14.60 -16.18
CA GLU A 126 -5.04 -15.90 -15.49
C GLU A 126 -4.29 -15.61 -14.17
N PHE A 127 -3.43 -14.61 -14.15
CA PHE A 127 -2.70 -14.20 -12.91
C PHE A 127 -3.70 -13.72 -11.84
N LEU A 128 -4.69 -12.92 -12.24
CA LEU A 128 -5.72 -12.41 -11.32
C LEU A 128 -6.53 -13.60 -10.83
N ASP A 129 -6.81 -14.58 -11.70
CA ASP A 129 -7.56 -15.78 -11.24
C ASP A 129 -6.79 -16.56 -10.17
N LYS A 130 -5.46 -16.63 -10.28
CA LYS A 130 -4.60 -17.42 -9.37
C LYS A 130 -4.44 -16.68 -8.03
N THR A 131 -4.42 -15.34 -8.03
CA THR A 131 -4.19 -14.56 -6.79
C THR A 131 -5.49 -14.23 -6.07
N GLY A 132 -6.65 -14.20 -6.74
CA GLY A 132 -7.89 -13.66 -6.14
C GLY A 132 -7.92 -12.13 -6.05
N TRP A 133 -6.93 -11.40 -6.58
CA TRP A 133 -6.89 -9.92 -6.49
C TRP A 133 -7.67 -9.25 -7.63
N LYS A 134 -8.05 -7.99 -7.43
CA LYS A 134 -8.77 -7.11 -8.38
C LYS A 134 -7.74 -6.16 -9.01
N LEU A 135 -8.12 -5.48 -10.09
CA LEU A 135 -7.18 -4.77 -11.01
C LEU A 135 -7.55 -3.28 -11.15
N ILE A 136 -6.55 -2.43 -11.00
CA ILE A 136 -6.58 -1.02 -11.47
C ILE A 136 -5.61 -0.95 -12.66
N TYR A 137 -6.10 -0.47 -13.81
CA TYR A 137 -5.38 -0.61 -15.11
C TYR A 137 -5.20 0.77 -15.72
N GLY A 138 -3.93 1.20 -15.90
CA GLY A 138 -3.60 2.50 -16.50
C GLY A 138 -3.80 2.53 -18.02
N LEU A 139 -4.27 3.66 -18.59
CA LEU A 139 -4.41 3.85 -20.04
C LEU A 139 -3.53 5.04 -20.41
N ASN A 140 -3.09 5.08 -21.66
CA ASN A 140 -2.01 6.02 -22.09
C ASN A 140 -2.63 7.33 -22.53
N LEU A 141 -2.84 8.25 -21.59
CA LEU A 141 -3.38 9.58 -21.91
C LEU A 141 -2.22 10.54 -22.21
N GLY A 142 -1.01 10.25 -21.71
CA GLY A 142 0.17 11.10 -21.95
C GLY A 142 0.54 11.16 -23.43
N LYS A 143 0.74 10.01 -24.08
CA LYS A 143 1.19 9.97 -25.50
C LYS A 143 0.18 9.27 -26.41
N GLY A 144 -0.75 8.47 -25.87
CA GLY A 144 -1.65 7.68 -26.73
C GLY A 144 -2.86 8.45 -27.26
N THR A 145 -3.69 7.78 -28.06
CA THR A 145 -4.92 8.37 -28.60
C THR A 145 -6.13 7.92 -27.79
N PRO A 146 -7.21 8.73 -27.82
CA PRO A 146 -8.50 8.34 -27.26
C PRO A 146 -8.98 6.99 -27.83
N GLU A 147 -8.82 6.80 -29.14
CA GLU A 147 -9.37 5.59 -29.83
C GLU A 147 -8.56 4.34 -29.44
N ASN A 148 -7.24 4.45 -29.30
CA ASN A 148 -6.38 3.31 -28.86
C ASN A 148 -6.70 2.99 -27.38
N ALA A 149 -6.92 4.01 -26.55
CA ALA A 149 -7.31 3.78 -25.14
C ALA A 149 -8.65 3.03 -25.09
N ALA A 150 -9.62 3.39 -25.95
CA ALA A 150 -10.95 2.75 -25.95
C ALA A 150 -10.78 1.30 -26.41
N ASP A 151 -9.90 1.06 -27.36
CA ASP A 151 -9.66 -0.30 -27.93
C ASP A 151 -9.03 -1.18 -26.85
N GLU A 152 -8.02 -0.66 -26.14
CA GLU A 152 -7.31 -1.38 -25.03
C GLU A 152 -8.32 -1.65 -23.90
N ALA A 153 -9.11 -0.66 -23.47
CA ALA A 153 -10.14 -0.84 -22.43
C ALA A 153 -11.18 -1.91 -22.84
N ALA A 154 -11.58 -1.94 -24.10
CA ALA A 154 -12.58 -2.93 -24.58
C ALA A 154 -11.99 -4.35 -24.45
N TYR A 155 -10.74 -4.53 -24.84
CA TYR A 155 -10.08 -5.85 -24.72
C TYR A 155 -9.94 -6.25 -23.24
N VAL A 156 -9.50 -5.33 -22.38
CA VAL A 156 -9.42 -5.60 -20.90
C VAL A 156 -10.81 -6.00 -20.36
N MET A 157 -11.87 -5.26 -20.70
CA MET A 157 -13.24 -5.57 -20.21
C MET A 157 -13.70 -6.92 -20.78
N GLU A 158 -13.37 -7.23 -22.03
CA GLU A 158 -13.75 -8.51 -22.71
C GLU A 158 -13.11 -9.69 -21.95
N THR A 159 -11.87 -9.52 -21.46
CA THR A 159 -10.97 -10.63 -21.04
C THR A 159 -10.94 -10.75 -19.50
N ILE A 160 -10.71 -9.63 -18.81
CA ILE A 160 -10.63 -9.61 -17.33
C ILE A 160 -12.04 -9.52 -16.73
N GLY A 161 -12.96 -8.73 -17.33
CA GLY A 161 -14.38 -8.68 -16.95
C GLY A 161 -14.66 -7.70 -15.80
N ALA A 162 -15.92 -7.40 -15.52
CA ALA A 162 -16.33 -6.28 -14.63
C ALA A 162 -16.08 -6.62 -13.16
N ASP A 163 -16.24 -7.88 -12.77
CA ASP A 163 -16.04 -8.32 -11.37
C ASP A 163 -14.59 -8.08 -10.92
N ARG A 164 -13.59 -8.36 -11.76
CA ARG A 164 -12.15 -8.28 -11.36
C ARG A 164 -11.58 -6.91 -11.71
N LEU A 165 -12.17 -6.22 -12.68
CA LEU A 165 -11.69 -4.87 -13.08
C LEU A 165 -12.31 -3.84 -12.13
N LEU A 166 -11.48 -3.20 -11.30
CA LEU A 166 -11.98 -2.18 -10.35
C LEU A 166 -12.08 -0.81 -11.03
N ALA A 167 -11.02 -0.40 -11.74
CA ALA A 167 -10.97 0.95 -12.35
C ALA A 167 -9.91 1.02 -13.45
N PHE A 168 -10.20 1.83 -14.48
CA PHE A 168 -9.21 2.36 -15.44
C PHE A 168 -8.75 3.74 -14.95
N GLN A 169 -7.50 4.06 -15.19
CA GLN A 169 -7.03 5.43 -14.87
C GLN A 169 -6.43 6.04 -16.13
N LEU A 170 -6.71 7.32 -16.34
CA LEU A 170 -6.40 8.03 -17.61
C LEU A 170 -5.16 8.89 -17.35
N GLY A 171 -4.00 8.25 -17.42
CA GLY A 171 -2.71 8.88 -17.16
C GLY A 171 -2.31 8.69 -15.71
N ASN A 172 -1.00 8.72 -15.48
CA ASN A 172 -0.35 8.69 -14.15
C ASN A 172 0.29 10.06 -13.92
N GLU A 173 0.01 10.67 -12.78
CA GLU A 173 0.67 11.92 -12.29
C GLU A 173 0.65 12.97 -13.41
N PRO A 174 -0.54 13.32 -13.93
CA PRO A 174 -0.66 14.32 -15.01
C PRO A 174 -0.09 15.69 -14.64
N ASP A 175 0.01 15.98 -13.33
CA ASP A 175 0.54 17.27 -12.85
C ASP A 175 2.05 17.30 -13.04
N LEU A 176 2.68 16.16 -13.30
CA LEU A 176 4.15 16.08 -13.54
C LEU A 176 4.47 15.77 -15.01
N PHE A 177 3.47 15.85 -15.91
CA PHE A 177 3.68 15.59 -17.36
C PHE A 177 4.76 16.54 -17.89
N TYR A 178 4.72 17.81 -17.48
CA TYR A 178 5.68 18.86 -17.92
C TYR A 178 7.14 18.55 -17.53
N ARG A 179 7.37 17.89 -16.38
CA ARG A 179 8.75 17.61 -15.90
C ARG A 179 9.46 16.73 -16.92
N ASN A 180 8.69 15.89 -17.61
CA ASN A 180 9.12 14.92 -18.64
C ASN A 180 8.95 15.52 -20.05
N GLY A 181 8.33 16.70 -20.17
CA GLY A 181 7.98 17.28 -21.48
C GLY A 181 6.84 16.55 -22.17
N ILE A 182 6.23 15.53 -21.51
CA ILE A 182 5.03 14.80 -22.03
C ILE A 182 3.95 15.82 -22.40
N ARG A 183 3.94 16.94 -21.67
CA ARG A 183 3.15 18.13 -22.01
C ARG A 183 4.10 19.30 -21.88
N PRO A 184 3.74 20.44 -22.49
CA PRO A 184 4.47 21.69 -22.28
C PRO A 184 4.20 22.30 -20.90
N ALA A 185 5.04 23.27 -20.52
CA ALA A 185 4.98 23.93 -19.19
C ALA A 185 3.60 24.55 -18.93
N SER A 186 2.85 24.94 -19.96
CA SER A 186 1.50 25.57 -19.83
C SER A 186 0.41 24.58 -19.38
N TYR A 187 0.64 23.28 -19.44
CA TYR A 187 -0.40 22.25 -19.13
C TYR A 187 -0.84 22.43 -17.68
N ASP A 188 -2.16 22.56 -17.47
CA ASP A 188 -2.80 22.85 -16.17
C ASP A 188 -4.06 21.99 -16.03
N PHE A 189 -4.81 22.16 -14.93
CA PHE A 189 -5.98 21.31 -14.61
C PHE A 189 -6.99 21.41 -15.75
N ALA A 190 -7.27 22.63 -16.22
CA ALA A 190 -8.22 22.90 -17.32
C ALA A 190 -7.85 22.04 -18.54
N ALA A 191 -6.58 22.03 -18.93
CA ALA A 191 -6.07 21.26 -20.09
C ALA A 191 -6.28 19.77 -19.83
N TYR A 192 -5.93 19.33 -18.63
CA TYR A 192 -6.02 17.89 -18.28
C TYR A 192 -7.49 17.46 -18.33
N ALA A 193 -8.37 18.27 -17.77
CA ALA A 193 -9.82 17.96 -17.74
C ALA A 193 -10.37 17.80 -19.17
N GLY A 194 -9.90 18.60 -20.13
CA GLY A 194 -10.24 18.45 -21.56
C GLY A 194 -9.77 17.11 -22.12
N ASP A 195 -8.52 16.72 -21.82
CA ASP A 195 -7.93 15.42 -22.22
C ASP A 195 -8.78 14.31 -21.60
N TRP A 196 -9.09 14.42 -20.30
CA TRP A 196 -9.76 13.33 -19.53
C TRP A 196 -11.13 13.09 -20.15
N GLN A 197 -11.86 14.18 -20.42
CA GLN A 197 -13.22 14.08 -21.02
C GLN A 197 -13.15 13.43 -22.40
N ARG A 198 -12.19 13.82 -23.25
CA ARG A 198 -12.05 13.23 -24.61
C ARG A 198 -11.83 11.71 -24.48
N PHE A 199 -10.95 11.26 -23.57
CA PHE A 199 -10.62 9.81 -23.38
C PHE A 199 -11.84 9.08 -22.83
N PHE A 200 -12.50 9.66 -21.82
CA PHE A 200 -13.67 9.10 -21.12
C PHE A 200 -14.78 8.83 -22.13
N THR A 201 -15.07 9.83 -22.96
CA THR A 201 -16.16 9.73 -23.99
C THR A 201 -15.84 8.59 -24.97
N ALA A 202 -14.63 8.54 -25.52
CA ALA A 202 -14.16 7.53 -26.49
C ALA A 202 -14.25 6.15 -25.84
N ILE A 203 -13.77 6.00 -24.59
CA ILE A 203 -13.82 4.67 -23.92
C ILE A 203 -15.27 4.22 -23.71
N ARG A 204 -16.11 5.10 -23.17
CA ARG A 204 -17.52 4.74 -22.84
C ARG A 204 -18.26 4.33 -24.12
N LYS A 205 -17.90 4.88 -25.29
CA LYS A 205 -18.53 4.45 -26.56
C LYS A 205 -18.29 2.95 -26.82
N ARG A 206 -17.09 2.47 -26.52
CA ARG A 206 -16.65 1.07 -26.73
C ARG A 206 -17.06 0.19 -25.54
N VAL A 207 -17.15 0.80 -24.35
CA VAL A 207 -17.25 0.08 -23.06
C VAL A 207 -18.22 0.83 -22.15
N PRO A 208 -19.55 0.65 -22.32
CA PRO A 208 -20.52 1.51 -21.66
C PRO A 208 -20.49 1.44 -20.12
N ASN A 209 -20.03 0.30 -19.59
CA ASN A 209 -19.89 0.03 -18.14
C ASN A 209 -18.46 0.29 -17.63
N ALA A 210 -17.60 1.01 -18.35
CA ALA A 210 -16.18 1.21 -17.96
C ALA A 210 -16.14 1.96 -16.63
N PRO A 211 -15.47 1.42 -15.58
CA PRO A 211 -15.23 2.15 -14.34
C PRO A 211 -13.90 2.93 -14.34
N PHE A 212 -13.90 4.07 -13.66
CA PHE A 212 -12.73 5.01 -13.68
C PHE A 212 -12.38 5.44 -12.25
N ALA A 213 -11.10 5.80 -12.05
CA ALA A 213 -10.60 6.46 -10.85
C ALA A 213 -9.58 7.50 -11.32
N GLY A 214 -9.41 8.51 -10.51
CA GLY A 214 -8.38 9.52 -10.78
C GLY A 214 -8.28 10.47 -9.60
N PRO A 215 -7.39 11.49 -9.67
CA PRO A 215 -6.52 11.71 -10.82
C PRO A 215 -5.15 11.00 -10.82
N ASP A 216 -4.90 10.11 -9.85
CA ASP A 216 -3.67 9.29 -9.85
C ASP A 216 -2.49 10.24 -9.64
N THR A 217 -2.62 11.12 -8.68
CA THR A 217 -1.44 11.92 -8.28
C THR A 217 -1.43 12.19 -6.78
N ALA A 218 -0.28 12.71 -6.29
CA ALA A 218 -0.13 13.26 -4.92
C ALA A 218 -1.26 14.25 -4.63
N TYR A 219 -1.72 14.36 -3.37
CA TYR A 219 -2.78 15.32 -2.97
C TYR A 219 -2.27 16.72 -3.33
N ASN A 220 -3.12 17.54 -3.93
CA ASN A 220 -2.79 18.97 -4.14
C ASN A 220 -4.06 19.75 -4.44
N THR A 221 -3.97 21.06 -4.36
CA THR A 221 -5.16 21.94 -4.39
C THR A 221 -5.49 22.28 -5.83
N LYS A 222 -4.50 22.28 -6.74
CA LYS A 222 -4.71 22.77 -8.13
C LYS A 222 -5.14 21.64 -9.05
N TRP A 223 -4.97 20.37 -8.65
CA TRP A 223 -5.32 19.23 -9.53
C TRP A 223 -6.35 18.33 -8.85
N LEU A 224 -6.05 17.76 -7.68
CA LEU A 224 -6.90 16.68 -7.13
C LEU A 224 -8.27 17.26 -6.69
N VAL A 225 -8.29 18.40 -6.00
CA VAL A 225 -9.57 18.98 -5.48
C VAL A 225 -10.50 19.33 -6.64
N PRO A 226 -10.07 20.11 -7.68
CA PRO A 226 -10.94 20.35 -8.83
C PRO A 226 -11.34 19.10 -9.63
N PHE A 227 -10.48 18.07 -9.67
CA PHE A 227 -10.79 16.79 -10.35
C PHE A 227 -12.03 16.20 -9.71
N ALA A 228 -12.04 16.13 -8.38
CA ALA A 228 -13.13 15.46 -7.63
C ALA A 228 -14.43 16.26 -7.88
N ASP A 229 -14.32 17.59 -7.87
CA ASP A 229 -15.52 18.47 -8.06
C ASP A 229 -16.11 18.21 -9.45
N LYS A 230 -15.28 18.22 -10.50
CA LYS A 230 -15.72 18.17 -11.92
C LYS A 230 -16.18 16.76 -12.31
N PHE A 231 -15.53 15.69 -11.86
CA PHE A 231 -15.76 14.32 -12.42
C PHE A 231 -16.38 13.38 -11.41
N LYS A 232 -17.00 13.90 -10.35
CA LYS A 232 -17.45 13.06 -9.22
C LYS A 232 -18.54 12.07 -9.64
N HIS A 233 -19.28 12.35 -10.71
CA HIS A 233 -20.34 11.44 -11.25
C HIS A 233 -19.74 10.42 -12.22
N ASP A 234 -18.49 10.59 -12.63
CA ASP A 234 -17.83 9.78 -13.68
C ASP A 234 -16.78 8.83 -13.10
N VAL A 235 -16.46 8.92 -11.80
CA VAL A 235 -15.41 8.04 -11.19
C VAL A 235 -16.00 7.30 -10.00
N LYS A 236 -15.39 6.16 -9.67
CA LYS A 236 -15.80 5.29 -8.54
C LYS A 236 -15.12 5.72 -7.22
N PHE A 237 -13.90 6.31 -7.30
CA PHE A 237 -13.10 6.70 -6.12
C PHE A 237 -12.00 7.65 -6.56
N ILE A 238 -11.44 8.35 -5.59
CA ILE A 238 -10.23 9.19 -5.76
C ILE A 238 -8.99 8.29 -5.57
N SER A 239 -8.07 8.35 -6.52
N SER A 239 -8.05 8.47 -6.48
CA SER A 239 -6.73 7.72 -6.49
CA SER A 239 -6.74 7.77 -6.55
C SER A 239 -5.69 8.81 -6.20
C SER A 239 -5.63 8.77 -6.25
N SER A 240 -4.95 8.67 -5.09
CA SER A 240 -3.88 9.62 -4.70
C SER A 240 -2.57 8.86 -4.44
N HIS A 241 -1.46 9.59 -4.45
CA HIS A 241 -0.11 9.06 -4.26
C HIS A 241 0.55 9.69 -3.03
N TYR A 242 1.46 8.95 -2.42
CA TYR A 242 2.22 9.42 -1.22
C TYR A 242 3.61 8.79 -1.19
N TYR A 243 4.63 9.65 -1.06
CA TYR A 243 6.05 9.29 -0.80
C TYR A 243 6.51 10.02 0.46
N ALA A 244 7.12 9.30 1.42
CA ALA A 244 7.57 9.86 2.71
C ALA A 244 8.63 10.93 2.44
N GLU A 245 9.54 10.67 1.52
CA GLU A 245 10.48 11.71 1.00
C GLU A 245 9.66 12.90 0.45
N GLY A 246 10.04 14.12 0.80
CA GLY A 246 9.41 15.34 0.26
C GLY A 246 10.05 15.79 -1.06
N PRO A 247 9.82 17.06 -1.49
CA PRO A 247 10.50 17.61 -2.66
C PRO A 247 12.01 17.50 -2.51
N PRO A 248 12.82 17.63 -3.59
CA PRO A 248 14.27 17.52 -3.48
C PRO A 248 14.91 18.59 -2.56
N THR A 249 14.15 19.64 -2.24
CA THR A 249 14.57 20.77 -1.37
C THR A 249 14.06 20.62 0.07
N ASP A 250 13.51 19.45 0.42
CA ASP A 250 13.27 19.02 1.83
C ASP A 250 14.57 18.47 2.40
N PRO A 251 14.71 18.33 3.74
CA PRO A 251 15.88 17.68 4.32
C PRO A 251 15.94 16.21 3.85
N SER A 252 17.15 15.68 3.65
CA SER A 252 17.41 14.36 3.02
C SER A 252 16.77 13.25 3.86
N MET A 253 16.19 12.24 3.21
CA MET A 253 15.48 11.16 3.93
C MET A 253 16.52 10.21 4.53
N THR A 254 16.37 9.96 5.82
CA THR A 254 17.20 9.05 6.64
C THR A 254 16.25 8.07 7.34
N ILE A 255 16.77 6.98 7.87
CA ILE A 255 15.94 6.05 8.69
C ILE A 255 15.35 6.84 9.86
N GLU A 256 16.11 7.78 10.44
CA GLU A 256 15.66 8.56 11.62
C GLU A 256 14.40 9.34 11.24
N ARG A 257 14.41 10.01 10.09
CA ARG A 257 13.27 10.84 9.64
C ARG A 257 12.09 9.95 9.25
N LEU A 258 12.33 8.82 8.57
CA LEU A 258 11.27 7.87 8.14
C LEU A 258 10.43 7.40 9.34
N MET A 259 11.02 7.25 10.53
CA MET A 259 10.33 6.72 11.75
C MET A 259 9.44 7.82 12.38
N LYS A 260 9.72 9.10 12.17
CA LYS A 260 8.94 10.22 12.76
C LYS A 260 7.60 10.46 12.05
N PRO A 261 6.61 11.10 12.69
CA PRO A 261 5.38 11.50 12.01
C PRO A 261 5.71 12.44 10.85
N ASN A 262 4.87 12.41 9.83
CA ASN A 262 5.01 13.28 8.64
C ASN A 262 3.80 14.21 8.60
N PRO A 263 3.98 15.50 8.97
CA PRO A 263 2.86 16.44 9.04
C PRO A 263 2.23 16.65 7.65
N ARG A 264 3.01 16.56 6.58
CA ARG A 264 2.48 16.66 5.21
C ARG A 264 1.48 15.51 4.99
N LEU A 265 1.80 14.31 5.45
CA LEU A 265 0.86 13.15 5.30
C LEU A 265 -0.48 13.43 6.03
N LEU A 266 -0.41 13.97 7.24
CA LEU A 266 -1.64 14.20 8.05
C LEU A 266 -2.51 15.24 7.33
N GLY A 267 -1.88 16.30 6.80
CA GLY A 267 -2.53 17.35 6.00
C GLY A 267 -3.20 16.77 4.75
N GLU A 268 -2.44 16.02 3.95
CA GLU A 268 -2.97 15.47 2.68
C GLU A 268 -4.14 14.52 2.99
N THR A 269 -4.02 13.76 4.07
CA THR A 269 -5.05 12.76 4.44
C THR A 269 -6.34 13.52 4.83
N ALA A 270 -6.20 14.62 5.57
CA ALA A 270 -7.34 15.51 5.95
C ALA A 270 -7.97 16.08 4.67
N GLY A 271 -7.15 16.56 3.73
CA GLY A 271 -7.59 17.05 2.42
C GLY A 271 -8.46 15.98 1.75
N LEU A 272 -8.02 14.71 1.73
CA LEU A 272 -8.79 13.61 1.09
C LEU A 272 -10.09 13.37 1.85
N LYS A 273 -10.09 13.47 3.17
CA LYS A 273 -11.33 13.23 3.97
C LYS A 273 -12.38 14.28 3.58
N GLN A 274 -11.95 15.51 3.38
CA GLN A 274 -12.84 16.65 3.04
C GLN A 274 -13.36 16.48 1.61
N VAL A 275 -12.53 16.01 0.66
CA VAL A 275 -13.02 15.69 -0.71
C VAL A 275 -14.11 14.63 -0.58
N GLU A 276 -13.90 13.64 0.28
CA GLU A 276 -14.89 12.56 0.44
C GLU A 276 -16.20 13.17 0.97
N ALA A 277 -16.12 14.05 1.96
CA ALA A 277 -17.33 14.68 2.56
C ALA A 277 -18.05 15.51 1.48
N ASP A 278 -17.31 16.24 0.64
CA ASP A 278 -17.86 17.17 -0.38
C ASP A 278 -18.48 16.42 -1.56
N THR A 279 -17.95 15.25 -1.94
CA THR A 279 -18.29 14.63 -3.25
C THR A 279 -18.85 13.23 -3.08
N GLY A 280 -18.72 12.62 -1.90
CA GLY A 280 -19.10 11.21 -1.66
C GLY A 280 -18.06 10.20 -2.13
N LEU A 281 -16.93 10.66 -2.72
CA LEU A 281 -15.91 9.76 -3.31
C LEU A 281 -14.97 9.25 -2.21
N PRO A 282 -14.88 7.92 -2.00
CA PRO A 282 -13.86 7.34 -1.11
C PRO A 282 -12.47 7.50 -1.74
N PHE A 283 -11.41 7.26 -0.96
CA PHE A 283 -10.03 7.42 -1.47
C PHE A 283 -9.23 6.13 -1.27
N ARG A 284 -8.37 5.85 -2.26
CA ARG A 284 -7.37 4.76 -2.20
C ARG A 284 -5.98 5.32 -2.51
N LEU A 285 -4.96 4.85 -1.78
CA LEU A 285 -3.54 5.28 -1.96
C LEU A 285 -2.90 4.36 -3.02
N THR A 286 -2.96 4.73 -4.30
CA THR A 286 -2.73 3.82 -5.43
C THR A 286 -1.25 3.73 -5.81
N GLU A 287 -0.37 4.56 -5.25
CA GLU A 287 1.09 4.48 -5.48
C GLU A 287 1.78 5.11 -4.28
N THR A 288 2.49 4.32 -3.51
CA THR A 288 3.23 4.83 -2.34
C THR A 288 4.55 4.05 -2.15
N ASN A 289 5.58 4.74 -1.68
CA ASN A 289 6.69 4.02 -1.05
C ASN A 289 7.53 5.05 -0.29
N SER A 290 8.64 4.61 0.27
CA SER A 290 9.44 5.38 1.24
C SER A 290 10.07 6.58 0.55
N CYS A 291 10.73 6.38 -0.60
CA CYS A 291 11.57 7.39 -1.32
C CYS A 291 11.38 7.26 -2.84
N TYR A 292 11.63 8.36 -3.56
CA TYR A 292 11.47 8.50 -5.03
C TYR A 292 12.55 7.78 -5.82
N GLN A 293 12.33 7.68 -7.14
CA GLN A 293 13.32 7.26 -8.16
C GLN A 293 13.77 5.84 -7.84
N GLY A 294 12.81 5.00 -7.42
CA GLY A 294 13.04 3.58 -7.16
C GLY A 294 13.50 3.34 -5.73
N GLY A 295 13.66 4.40 -4.94
CA GLY A 295 14.00 4.32 -3.52
C GLY A 295 15.43 4.76 -3.26
N LYS A 296 15.83 4.78 -1.98
CA LYS A 296 17.18 5.23 -1.53
C LYS A 296 17.89 4.07 -0.82
N GLN A 297 19.03 3.65 -1.36
CA GLN A 297 19.87 2.57 -0.78
C GLN A 297 20.26 2.98 0.64
N GLY A 298 20.08 2.05 1.59
CA GLY A 298 20.38 2.26 3.03
C GLY A 298 19.20 2.84 3.79
N VAL A 299 18.05 3.01 3.12
CA VAL A 299 16.77 3.49 3.76
C VAL A 299 15.63 2.58 3.28
N SER A 300 15.36 2.58 1.99
CA SER A 300 14.16 1.92 1.41
C SER A 300 14.28 0.40 1.48
N ASP A 301 15.51 -0.11 1.33
CA ASP A 301 15.82 -1.55 1.25
C ASP A 301 16.12 -2.11 2.64
N THR A 302 15.69 -1.46 3.73
CA THR A 302 16.11 -1.84 5.11
C THR A 302 14.92 -2.26 5.97
N PHE A 303 15.21 -2.93 7.09
CA PHE A 303 14.16 -3.37 8.02
C PHE A 303 13.32 -2.18 8.48
N ALA A 304 13.91 -0.97 8.57
CA ALA A 304 13.16 0.24 8.97
C ALA A 304 11.94 0.43 8.03
N ALA A 305 12.06 0.04 6.75
CA ALA A 305 10.97 0.14 5.78
C ALA A 305 9.84 -0.82 6.15
N ALA A 306 10.09 -1.94 6.81
CA ALA A 306 8.99 -2.84 7.27
C ALA A 306 8.16 -2.10 8.35
N LEU A 307 8.82 -1.45 9.29
CA LEU A 307 8.14 -0.71 10.39
C LEU A 307 7.35 0.45 9.74
N TRP A 308 7.98 1.26 8.89
CA TRP A 308 7.32 2.36 8.17
C TRP A 308 6.08 1.86 7.42
N ALA A 309 6.19 0.80 6.62
CA ALA A 309 5.10 0.38 5.71
C ALA A 309 3.96 -0.22 6.54
N GLY A 310 4.27 -1.04 7.54
CA GLY A 310 3.24 -1.65 8.40
C GLY A 310 2.46 -0.56 9.12
N ASP A 311 3.19 0.41 9.65
CA ASP A 311 2.58 1.51 10.41
C ASP A 311 1.73 2.37 9.48
N LEU A 312 2.26 2.69 8.29
CA LEU A 312 1.52 3.47 7.27
C LEU A 312 0.20 2.78 6.94
N MET A 313 0.20 1.45 6.74
CA MET A 313 -1.05 0.75 6.39
C MET A 313 -2.14 1.04 7.45
N TYR A 314 -1.80 0.86 8.74
CA TYR A 314 -2.71 1.12 9.90
C TYR A 314 -3.07 2.62 10.02
N GLN A 315 -2.12 3.54 9.93
CA GLN A 315 -2.44 4.99 10.01
C GLN A 315 -3.47 5.37 8.94
N GLN A 316 -3.31 4.95 7.68
CA GLN A 316 -4.26 5.31 6.59
C GLN A 316 -5.59 4.58 6.79
N ALA A 317 -5.60 3.32 7.26
CA ALA A 317 -6.85 2.58 7.51
C ALA A 317 -7.63 3.32 8.62
N ALA A 318 -6.96 3.79 9.67
CA ALA A 318 -7.60 4.49 10.82
C ALA A 318 -8.18 5.84 10.35
N ALA A 319 -7.57 6.44 9.31
CA ALA A 319 -8.02 7.70 8.69
C ALA A 319 -9.19 7.50 7.71
N GLY A 320 -9.58 6.26 7.40
CA GLY A 320 -10.73 5.97 6.50
C GLY A 320 -10.34 5.68 5.04
N SER A 321 -9.06 5.46 4.72
CA SER A 321 -8.62 5.02 3.37
C SER A 321 -9.21 3.65 3.02
N THR A 322 -9.58 3.43 1.77
CA THR A 322 -10.14 2.13 1.30
C THR A 322 -9.01 1.13 0.99
N GLY A 323 -7.75 1.58 0.93
CA GLY A 323 -6.66 0.67 0.57
C GLY A 323 -5.37 1.36 0.16
N ILE A 324 -4.39 0.51 -0.15
CA ILE A 324 -2.98 0.95 -0.37
C ILE A 324 -2.36 0.09 -1.48
N ASN A 325 -1.36 0.64 -2.14
CA ASN A 325 -0.66 -0.01 -3.26
C ASN A 325 0.79 0.42 -3.22
N PHE A 326 1.66 -0.40 -2.66
CA PHE A 326 3.10 -0.11 -2.56
C PHE A 326 3.75 -0.33 -3.92
N HIS A 327 4.35 0.71 -4.50
CA HIS A 327 5.07 0.60 -5.80
C HIS A 327 6.29 -0.31 -5.70
N GLY A 328 6.61 -0.96 -6.82
CA GLY A 328 7.70 -1.95 -6.82
C GLY A 328 7.94 -2.50 -8.20
N GLY A 329 8.85 -3.49 -8.26
CA GLY A 329 9.26 -4.19 -9.49
C GLY A 329 10.74 -4.32 -9.61
N GLY A 330 11.18 -5.21 -10.47
CA GLY A 330 12.60 -5.49 -10.66
C GLY A 330 13.28 -5.82 -9.34
N TYR A 331 14.42 -5.17 -9.10
CA TYR A 331 15.17 -5.20 -7.84
C TYR A 331 15.25 -3.78 -7.27
N GLY A 332 14.21 -2.94 -7.47
CA GLY A 332 14.24 -1.55 -6.98
C GLY A 332 14.46 -1.49 -5.47
N TRP A 333 15.14 -0.46 -4.97
CA TRP A 333 15.46 -0.38 -3.54
C TRP A 333 14.22 -0.53 -2.65
N TYR A 334 13.04 -0.03 -3.08
CA TYR A 334 11.84 -0.04 -2.22
C TYR A 334 10.88 -1.20 -2.53
N THR A 335 11.17 -2.08 -3.49
CA THR A 335 10.17 -3.10 -3.91
C THR A 335 9.88 -4.05 -2.74
N PRO A 336 8.59 -4.35 -2.46
CA PRO A 336 8.23 -5.40 -1.50
C PRO A 336 8.67 -6.81 -1.93
N VAL A 337 8.49 -7.12 -3.20
CA VAL A 337 8.91 -8.41 -3.81
C VAL A 337 9.90 -8.07 -4.91
N ALA A 338 11.06 -8.73 -4.89
CA ALA A 338 12.15 -8.59 -5.88
C ALA A 338 12.29 -9.88 -6.70
N GLY A 339 12.78 -9.73 -7.92
CA GLY A 339 13.21 -10.84 -8.78
C GLY A 339 12.50 -10.84 -10.15
N THR A 340 12.55 -12.01 -10.82
CA THR A 340 12.13 -12.24 -12.22
C THR A 340 11.61 -13.67 -12.33
N PRO A 341 10.86 -13.98 -13.40
CA PRO A 341 10.43 -15.36 -13.66
C PRO A 341 11.60 -16.36 -13.85
N GLU A 342 12.73 -15.90 -14.40
CA GLU A 342 13.93 -16.73 -14.75
C GLU A 342 14.72 -17.02 -13.47
N ASP A 343 14.92 -15.99 -12.64
CA ASP A 343 15.84 -16.01 -11.48
C ASP A 343 15.09 -16.35 -10.18
N GLY A 344 13.76 -16.20 -10.17
CA GLY A 344 12.93 -16.33 -8.96
C GLY A 344 12.68 -15.03 -8.23
N PHE A 345 11.73 -15.12 -7.30
CA PHE A 345 11.32 -13.99 -6.44
C PHE A 345 11.67 -14.24 -4.95
N ILE A 346 11.91 -13.14 -4.21
CA ILE A 346 12.20 -13.08 -2.75
C ILE A 346 11.44 -11.91 -2.09
N ALA A 347 11.08 -12.09 -0.83
CA ALA A 347 10.51 -11.04 0.04
C ALA A 347 11.66 -10.16 0.54
N ARG A 348 11.57 -8.88 0.21
CA ARG A 348 12.47 -7.84 0.74
C ARG A 348 11.92 -7.38 2.10
N PRO A 349 12.73 -6.64 2.90
CA PRO A 349 12.30 -6.22 4.23
C PRO A 349 10.90 -5.54 4.29
N GLU A 350 10.53 -4.67 3.34
CA GLU A 350 9.24 -3.95 3.41
C GLU A 350 8.09 -4.98 3.39
N TYR A 351 8.24 -6.06 2.65
CA TYR A 351 7.20 -7.12 2.58
C TYR A 351 6.75 -7.58 3.98
N TYR A 352 7.68 -7.70 4.95
CA TYR A 352 7.39 -8.27 6.29
C TYR A 352 6.46 -7.31 7.06
N GLY A 353 6.54 -5.99 6.87
CA GLY A 353 5.54 -5.05 7.41
C GLY A 353 4.14 -5.34 6.91
N MET A 354 4.04 -5.63 5.60
CA MET A 354 2.76 -5.90 4.93
C MET A 354 2.24 -7.25 5.42
N LEU A 355 3.16 -8.18 5.68
CA LEU A 355 2.85 -9.53 6.19
C LEU A 355 2.20 -9.44 7.59
N LEU A 356 2.69 -8.56 8.46
CA LEU A 356 2.11 -8.34 9.81
C LEU A 356 0.64 -7.93 9.66
N PHE A 357 0.38 -6.97 8.79
CA PHE A 357 -1.00 -6.54 8.46
C PHE A 357 -1.82 -7.73 7.93
N ALA A 358 -1.25 -8.55 7.04
CA ALA A 358 -1.96 -9.70 6.45
C ALA A 358 -2.42 -10.66 7.54
N GLN A 359 -1.55 -10.92 8.53
CA GLN A 359 -1.78 -11.93 9.57
C GLN A 359 -2.76 -11.39 10.62
N ALA A 360 -2.83 -10.06 10.77
CA ALA A 360 -3.84 -9.41 11.64
C ALA A 360 -5.24 -9.69 11.07
N GLY A 361 -5.43 -9.52 9.75
CA GLY A 361 -6.73 -9.68 9.11
C GLY A 361 -7.56 -8.42 9.22
N ALA A 362 -8.79 -8.50 8.78
CA ALA A 362 -9.69 -7.32 8.67
C ALA A 362 -10.48 -7.20 9.96
N GLY A 363 -11.24 -6.12 10.06
CA GLY A 363 -12.14 -5.94 11.21
C GLY A 363 -12.33 -4.48 11.49
N GLN A 364 -12.83 -4.17 12.68
CA GLN A 364 -13.06 -2.77 13.08
C GLN A 364 -11.98 -2.26 14.04
N LEU A 365 -11.39 -1.11 13.72
CA LEU A 365 -10.37 -0.46 14.57
C LEU A 365 -11.05 0.08 15.84
N LEU A 366 -10.31 0.02 16.95
CA LEU A 366 -10.77 0.41 18.31
C LEU A 366 -9.82 1.46 18.90
N GLY A 367 -10.28 2.16 19.93
CA GLY A 367 -9.43 3.04 20.74
C GLY A 367 -8.24 2.30 21.33
N ALA A 368 -7.05 2.88 21.18
CA ALA A 368 -5.76 2.41 21.73
C ALA A 368 -4.93 3.64 22.07
N LYS A 369 -5.06 4.16 23.28
CA LYS A 369 -4.35 5.39 23.73
C LYS A 369 -3.07 5.01 24.47
N LEU A 370 -1.95 5.64 24.11
CA LEU A 370 -0.66 5.50 24.81
C LEU A 370 -0.49 6.67 25.78
N THR A 371 0.02 6.38 26.97
CA THR A 371 0.37 7.34 28.07
C THR A 371 1.76 7.04 28.61
N ASP A 372 2.40 8.04 29.23
CA ASP A 372 3.75 7.91 29.86
C ASP A 372 4.76 7.55 28.77
N ASN A 373 4.56 8.08 27.56
CA ASN A 373 5.25 7.59 26.34
C ASN A 373 6.09 8.72 25.72
N SER A 374 6.39 9.78 26.47
CA SER A 374 7.06 10.99 25.92
C SER A 374 8.54 10.69 25.62
N ALA A 375 9.16 9.76 26.35
CA ALA A 375 10.57 9.35 26.15
C ALA A 375 10.65 8.18 25.16
N ALA A 376 9.51 7.68 24.65
CA ALA A 376 9.47 6.69 23.54
C ALA A 376 8.39 7.14 22.53
N PRO A 377 8.51 8.36 21.95
CA PRO A 377 7.38 8.93 21.23
C PRO A 377 7.02 8.27 19.88
N LEU A 378 7.90 7.43 19.33
CA LEU A 378 7.70 6.88 17.97
C LEU A 378 7.07 5.50 18.06
N LEU A 379 6.71 5.04 19.25
CA LEU A 379 5.87 3.81 19.42
C LEU A 379 4.47 4.15 18.92
N THR A 380 3.88 3.28 18.07
CA THR A 380 2.46 3.40 17.65
C THR A 380 1.78 2.09 18.00
N ALA A 381 0.48 2.14 18.18
CA ALA A 381 -0.35 0.94 18.47
C ALA A 381 -1.73 1.11 17.85
N TYR A 382 -2.30 0.00 17.40
CA TYR A 382 -3.59 -0.08 16.71
C TYR A 382 -4.31 -1.29 17.25
N ALA A 383 -5.55 -1.14 17.74
CA ALA A 383 -6.33 -2.27 18.29
C ALA A 383 -7.45 -2.56 17.31
N LEU A 384 -7.80 -3.83 17.17
CA LEU A 384 -8.70 -4.30 16.11
C LEU A 384 -9.60 -5.40 16.67
N ARG A 385 -10.92 -5.23 16.53
CA ARG A 385 -11.90 -6.33 16.67
C ARG A 385 -11.97 -7.07 15.33
N GLY A 386 -11.31 -8.21 15.28
CA GLY A 386 -11.22 -9.02 14.08
C GLY A 386 -12.57 -9.58 13.68
N THR A 387 -12.77 -9.78 12.37
CA THR A 387 -14.04 -10.30 11.82
C THR A 387 -14.36 -11.63 12.51
N ASP A 388 -13.34 -12.34 13.03
CA ASP A 388 -13.54 -13.64 13.72
C ASP A 388 -13.97 -13.42 15.18
N GLY A 389 -14.08 -12.17 15.64
CA GLY A 389 -14.43 -11.80 17.02
C GLY A 389 -13.24 -11.69 17.98
N ARG A 390 -12.01 -12.02 17.61
CA ARG A 390 -10.85 -11.91 18.54
C ARG A 390 -10.22 -10.51 18.45
N THR A 391 -9.81 -9.96 19.59
CA THR A 391 -9.08 -8.67 19.66
C THR A 391 -7.63 -8.92 19.21
N ARG A 392 -7.09 -7.99 18.41
CA ARG A 392 -5.67 -8.00 17.99
C ARG A 392 -5.10 -6.60 18.23
N ILE A 393 -3.80 -6.53 18.46
CA ILE A 393 -3.09 -5.24 18.61
C ILE A 393 -1.83 -5.32 17.79
N ALA A 394 -1.60 -4.30 16.97
CA ALA A 394 -0.39 -4.21 16.14
C ALA A 394 0.46 -3.08 16.71
N LEU A 395 1.68 -3.37 17.16
CA LEU A 395 2.55 -2.31 17.75
C LEU A 395 3.78 -2.18 16.85
N PHE A 396 4.19 -0.96 16.59
CA PHE A 396 5.44 -0.61 15.89
C PHE A 396 6.29 0.22 16.86
N ASN A 397 7.31 -0.41 17.48
CA ASN A 397 8.33 0.35 18.25
C ASN A 397 9.34 0.95 17.27
N LYS A 398 9.02 2.11 16.69
N LYS A 398 9.02 2.11 16.69
CA LYS A 398 9.88 2.80 15.70
CA LYS A 398 9.89 2.79 15.71
C LYS A 398 10.94 3.65 16.39
C LYS A 398 10.95 3.66 16.39
N ASN A 399 11.01 3.61 17.73
CA ASN A 399 12.11 4.26 18.50
C ASN A 399 13.41 3.48 18.22
N LEU A 400 14.45 4.17 17.74
CA LEU A 400 15.71 3.54 17.29
C LEU A 400 16.62 3.28 18.50
N ASP A 401 16.40 3.96 19.62
CA ASP A 401 17.31 3.92 20.80
C ASP A 401 16.56 3.68 22.10
N ALA A 402 15.29 3.23 22.08
CA ALA A 402 14.52 2.95 23.30
C ALA A 402 13.72 1.64 23.15
N ASP A 403 14.04 0.69 24.02
CA ASP A 403 13.19 -0.50 24.28
C ASP A 403 11.95 -0.01 25.07
N VAL A 404 10.84 -0.73 25.00
CA VAL A 404 9.61 -0.31 25.73
C VAL A 404 9.04 -1.50 26.52
N GLU A 405 8.34 -1.17 27.60
CA GLU A 405 7.53 -2.09 28.42
C GLU A 405 6.11 -1.56 28.40
N VAL A 406 5.21 -2.30 27.74
CA VAL A 406 3.81 -1.79 27.51
C VAL A 406 2.87 -2.53 28.46
N ALA A 407 2.28 -1.79 29.40
CA ALA A 407 1.19 -2.29 30.28
C ALA A 407 -0.15 -2.07 29.59
N ILE A 408 -0.81 -3.17 29.22
CA ILE A 408 -1.99 -3.16 28.32
C ILE A 408 -3.21 -3.36 29.23
N SER A 409 -4.12 -2.39 29.25
CA SER A 409 -5.43 -2.47 29.96
C SER A 409 -6.57 -2.45 28.94
N GLY A 410 -7.73 -2.99 29.31
CA GLY A 410 -8.96 -2.86 28.52
C GLY A 410 -9.20 -4.08 27.65
N VAL A 411 -8.37 -5.11 27.80
CA VAL A 411 -8.54 -6.43 27.15
C VAL A 411 -8.74 -7.45 28.27
N ALA A 412 -9.86 -8.20 28.18
CA ALA A 412 -10.23 -9.33 29.05
C ALA A 412 -10.16 -10.62 28.23
N SER A 413 -9.11 -11.41 28.45
CA SER A 413 -8.86 -12.66 27.71
C SER A 413 -8.10 -13.62 28.61
N PRO A 414 -8.36 -14.94 28.54
CA PRO A 414 -7.53 -15.91 29.25
C PRO A 414 -6.11 -16.11 28.70
N SER A 415 -5.79 -15.66 27.47
CA SER A 415 -4.43 -15.83 26.88
C SER A 415 -4.23 -14.94 25.64
N GLY A 416 -3.10 -14.22 25.60
CA GLY A 416 -2.59 -13.52 24.40
C GLY A 416 -1.32 -14.18 23.89
N THR A 417 -1.12 -14.21 22.57
CA THR A 417 0.13 -14.64 21.88
C THR A 417 0.74 -13.42 21.18
N VAL A 418 2.07 -13.41 21.04
CA VAL A 418 2.78 -12.35 20.27
C VAL A 418 3.56 -13.01 19.13
N LEU A 419 3.46 -12.43 17.93
CA LEU A 419 4.36 -12.67 16.78
C LEU A 419 5.22 -11.42 16.61
N ARG A 420 6.54 -11.58 16.63
CA ARG A 420 7.43 -10.40 16.59
C ARG A 420 7.97 -10.19 15.17
N LEU A 421 8.11 -8.91 14.83
CA LEU A 421 8.68 -8.43 13.55
C LEU A 421 10.07 -7.89 13.90
N GLU A 422 11.13 -8.52 13.44
CA GLU A 422 12.49 -8.35 14.02
C GLU A 422 13.57 -8.34 12.95
N ALA A 423 14.60 -7.54 13.19
CA ALA A 423 15.89 -7.65 12.51
C ALA A 423 16.92 -7.15 13.53
N PRO A 424 18.18 -7.62 13.46
CA PRO A 424 19.18 -7.22 14.46
C PRO A 424 19.64 -5.76 14.40
N ARG A 425 19.38 -5.05 13.31
CA ARG A 425 19.66 -3.59 13.26
C ARG A 425 18.66 -2.92 12.29
N ALA A 426 18.32 -1.65 12.53
CA ALA A 426 17.24 -0.97 11.77
C ALA A 426 17.62 -0.86 10.27
N ASP A 427 18.92 -0.76 9.96
CA ASP A 427 19.44 -0.61 8.58
C ASP A 427 19.81 -1.95 7.98
N ASP A 428 19.41 -3.10 8.56
CA ASP A 428 19.71 -4.42 7.97
C ASP A 428 18.94 -4.56 6.66
N THR A 429 19.59 -5.07 5.61
CA THR A 429 19.02 -5.36 4.26
C THR A 429 18.49 -6.79 4.19
N THR A 430 18.78 -7.57 5.22
CA THR A 430 18.37 -8.99 5.33
C THR A 430 18.17 -9.30 6.83
N ASP A 431 18.09 -10.58 7.20
CA ASP A 431 17.97 -11.05 8.60
C ASP A 431 16.61 -10.63 9.19
N VAL A 432 15.57 -10.51 8.36
CA VAL A 432 14.24 -10.03 8.79
C VAL A 432 13.41 -11.28 8.97
N THR A 433 12.76 -11.38 10.13
CA THR A 433 11.81 -12.48 10.43
C THR A 433 10.48 -11.94 11.00
N PHE A 434 9.42 -12.71 10.81
CA PHE A 434 8.12 -12.46 11.48
C PHE A 434 7.67 -13.79 12.10
N GLY A 435 7.24 -13.80 13.36
CA GLY A 435 6.86 -15.05 14.06
C GLY A 435 8.04 -16.02 14.11
N GLY A 436 9.26 -15.50 14.14
CA GLY A 436 10.45 -16.37 14.27
C GLY A 436 10.85 -17.07 12.97
N ALA A 437 10.39 -16.60 11.81
CA ALA A 437 10.68 -17.27 10.52
C ALA A 437 10.78 -16.28 9.39
N PRO A 438 11.64 -16.56 8.39
CA PRO A 438 11.65 -15.81 7.14
C PRO A 438 10.51 -16.28 6.24
N VAL A 439 10.16 -15.43 5.28
CA VAL A 439 9.32 -15.87 4.14
C VAL A 439 10.20 -16.72 3.22
N GLY A 440 9.64 -17.80 2.69
CA GLY A 440 10.41 -18.68 1.78
C GLY A 440 10.07 -18.45 0.33
N ALA A 441 10.19 -19.50 -0.48
CA ALA A 441 9.91 -19.42 -1.93
C ALA A 441 8.40 -19.28 -2.14
N SER A 442 8.00 -18.55 -3.17
CA SER A 442 6.59 -18.38 -3.59
C SER A 442 5.71 -17.84 -2.42
N GLY A 443 6.26 -17.00 -1.53
CA GLY A 443 5.50 -16.42 -0.41
C GLY A 443 5.16 -17.42 0.71
N SER A 444 5.82 -18.57 0.78
CA SER A 444 5.53 -19.57 1.84
C SER A 444 5.89 -18.95 3.19
N TRP A 445 4.95 -18.91 4.13
CA TRP A 445 5.26 -18.41 5.50
C TRP A 445 4.37 -19.09 6.54
N SER A 446 4.97 -19.40 7.69
CA SER A 446 4.16 -19.74 8.89
C SER A 446 5.04 -19.56 10.11
N PRO A 447 4.41 -19.30 11.26
CA PRO A 447 5.18 -18.87 12.42
C PRO A 447 5.84 -20.11 13.03
N LEU A 448 7.05 -19.93 13.58
CA LEU A 448 7.85 -21.04 14.18
C LEU A 448 8.16 -20.77 15.66
N VAL A 449 7.94 -19.55 16.17
CA VAL A 449 8.18 -19.20 17.60
C VAL A 449 6.84 -18.82 18.25
N GLN A 450 6.39 -19.62 19.23
CA GLN A 450 5.18 -19.37 20.07
C GLN A 450 5.59 -18.62 21.34
N GLU A 451 5.03 -17.43 21.58
CA GLU A 451 5.30 -16.64 22.80
C GLU A 451 3.96 -16.18 23.39
N TYR A 452 3.70 -16.56 24.65
CA TYR A 452 2.56 -16.01 25.44
C TYR A 452 2.92 -14.63 25.97
N VAL A 453 1.92 -13.75 26.08
CA VAL A 453 2.07 -12.39 26.68
C VAL A 453 1.72 -12.53 28.16
N PRO A 454 2.62 -12.16 29.09
CA PRO A 454 2.36 -12.29 30.53
C PRO A 454 1.12 -11.50 30.99
N GLY A 455 0.25 -12.16 31.76
CA GLY A 455 -1.07 -11.64 32.18
C GLY A 455 -1.29 -11.81 33.68
N HIS A 456 -1.71 -10.74 34.38
CA HIS A 456 -2.05 -10.76 35.84
C HIS A 456 -2.97 -9.57 36.16
N SER A 457 -4.12 -9.83 36.79
CA SER A 457 -5.09 -8.80 37.26
C SER A 457 -5.77 -8.08 36.07
N GLY A 458 -6.17 -8.84 35.03
CA GLY A 458 -6.92 -8.33 33.86
C GLY A 458 -6.07 -7.49 32.90
N GLN A 459 -4.75 -7.48 33.09
CA GLN A 459 -3.78 -6.66 32.32
C GLN A 459 -2.68 -7.58 31.77
N PHE A 460 -1.96 -7.08 30.77
CA PHE A 460 -0.83 -7.77 30.10
C PHE A 460 0.35 -6.81 30.10
N VAL A 461 1.55 -7.37 30.08
CA VAL A 461 2.81 -6.56 29.97
C VAL A 461 3.64 -7.17 28.82
N LEU A 462 3.92 -6.35 27.80
CA LEU A 462 4.69 -6.73 26.58
C LEU A 462 5.98 -5.92 26.56
N HIS A 463 7.15 -6.58 26.55
CA HIS A 463 8.43 -5.93 26.21
C HIS A 463 8.58 -5.95 24.68
N MET A 464 9.15 -4.88 24.13
CA MET A 464 9.57 -4.77 22.71
C MET A 464 10.97 -4.16 22.66
N ARG A 465 11.89 -4.76 21.91
CA ARG A 465 13.20 -4.13 21.63
C ARG A 465 12.96 -2.83 20.85
N LYS A 466 13.90 -1.88 20.95
CA LYS A 466 14.06 -0.74 20.03
C LYS A 466 13.93 -1.25 18.57
N ALA A 467 13.34 -0.45 17.69
CA ALA A 467 13.21 -0.80 16.26
C ALA A 467 12.68 -2.23 16.11
N SER A 468 11.47 -2.48 16.52
CA SER A 468 10.80 -3.81 16.33
C SER A 468 9.29 -3.61 16.22
N GLY A 469 8.56 -4.64 15.80
CA GLY A 469 7.10 -4.63 15.77
C GLY A 469 6.54 -5.91 16.37
N ALA A 470 5.26 -5.92 16.66
CA ALA A 470 4.58 -7.05 17.31
C ALA A 470 3.13 -7.08 16.90
N LEU A 471 2.60 -8.29 16.77
CA LEU A 471 1.17 -8.55 16.55
C LEU A 471 0.67 -9.41 17.70
N LEU A 472 -0.28 -8.89 18.47
CA LEU A 472 -0.86 -9.62 19.62
C LEU A 472 -2.24 -10.13 19.23
N GLU A 473 -2.58 -11.33 19.65
CA GLU A 473 -3.89 -11.93 19.39
C GLU A 473 -4.38 -12.57 20.69
N PHE A 474 -5.60 -12.21 21.10
CA PHE A 474 -6.23 -12.63 22.37
C PHE A 474 -7.35 -13.61 22.07
N ALA A 475 -7.41 -14.71 22.81
CA ALA A 475 -8.46 -15.76 22.69
C ALA A 475 -9.83 -15.18 23.04
#